data_6CKK
#
_entry.id   6CKK
#
_cell.length_a   43.190
_cell.length_b   69.560
_cell.length_c   158.210
_cell.angle_alpha   90.00
_cell.angle_beta   90.00
_cell.angle_gamma   90.00
#
_symmetry.space_group_name_H-M   'P 21 21 21'
#
loop_
_entity.id
_entity.type
_entity.pdbx_description
1 polymer 'N-acylneuraminate cytidylyltransferase'
2 non-polymer "CYTIDINE-5'-TRIPHOSPHATE"
3 non-polymer 'CALCIUM ION'
4 water water
#
_entity_poly.entity_id   1
_entity_poly.type   'polypeptide(L)'
_entity_poly.pdbx_seq_one_letter_code
;MEKQNIAVILARQNSKGLPLKNLRKMNGISLLGHTINAAISSKCFDRIIVSTDGGLIAEEAKNFGVEVVLRPAELASDTA
SSISGVIHALETIGSNSGTVTLLQPTSPLRTGAHIREAFSLFDEKIKGSVVSACPMEHHPLKTLLQINNGEYAPMRHLSD
LEQPRQQLPQAFRPNGAIYINDTASLIANNCFFIAPTKLYIMSHQDSIDIDTELDLQQAENILNHKES
;
_entity_poly.pdbx_strand_id   A,B
#
loop_
_chem_comp.id
_chem_comp.type
_chem_comp.name
_chem_comp.formula
CA non-polymer 'CALCIUM ION' 'Ca 2'
CTP non-polymer CYTIDINE-5'-TRIPHOSPHATE 'C9 H16 N3 O14 P3'
#
# COMPACT_ATOMS: atom_id res chain seq x y z
N MET A 1 37.05 15.84 -16.68
CA MET A 1 36.97 14.45 -17.21
C MET A 1 35.78 14.29 -18.16
N GLU A 2 35.91 13.34 -19.08
CA GLU A 2 34.79 12.92 -19.92
C GLU A 2 33.67 12.34 -19.03
N LYS A 3 32.41 12.61 -19.40
CA LYS A 3 31.30 12.01 -18.75
C LYS A 3 31.33 10.46 -18.91
N GLN A 4 30.89 9.74 -17.87
CA GLN A 4 30.72 8.30 -17.93
C GLN A 4 29.39 7.87 -17.30
N ASN A 5 28.74 6.89 -17.90
CA ASN A 5 27.53 6.29 -17.34
C ASN A 5 27.96 5.11 -16.50
N ILE A 6 27.85 5.27 -15.18
CA ILE A 6 28.30 4.26 -14.20
C ILE A 6 27.14 3.53 -13.56
N ALA A 7 27.19 2.19 -13.53
CA ALA A 7 26.25 1.37 -12.74
C ALA A 7 27.00 0.92 -11.50
N VAL A 8 26.36 1.08 -10.35
CA VAL A 8 26.98 0.68 -9.11
C VAL A 8 26.05 -0.34 -8.45
N ILE A 9 26.59 -1.52 -8.19
CA ILE A 9 25.88 -2.63 -7.58
C ILE A 9 26.49 -2.80 -6.18
N LEU A 10 25.79 -2.36 -5.14
CA LEU A 10 26.23 -2.57 -3.77
C LEU A 10 25.80 -3.95 -3.35
N ALA A 11 26.77 -4.78 -2.95
CA ALA A 11 26.50 -6.16 -2.59
C ALA A 11 27.37 -6.55 -1.39
N ARG A 12 26.90 -6.17 -0.18
CA ARG A 12 27.62 -6.46 1.02
C ARG A 12 27.53 -8.00 1.40
N GLN A 13 28.47 -8.47 2.22
CA GLN A 13 28.52 -9.88 2.59
C GLN A 13 27.54 -10.29 3.68
N ASN A 14 27.43 -9.49 4.72
CA ASN A 14 26.84 -9.95 5.98
C ASN A 14 25.36 -9.63 6.13
N SER A 15 24.57 -9.89 5.07
CA SER A 15 23.12 -9.80 5.15
C SER A 15 22.60 -10.63 6.35
N LYS A 16 21.65 -10.07 7.10
CA LYS A 16 21.12 -10.67 8.34
C LYS A 16 19.79 -11.39 8.18
N GLY A 17 18.95 -10.92 7.23
CA GLY A 17 17.62 -11.48 6.96
C GLY A 17 17.72 -12.77 6.21
N LEU A 18 18.37 -12.75 5.05
CA LEU A 18 18.57 -13.98 4.33
C LEU A 18 20.08 -14.10 4.27
N PRO A 19 20.62 -15.06 5.05
CA PRO A 19 22.05 -15.29 5.01
C PRO A 19 22.65 -15.30 3.61
N LEU A 20 23.72 -14.52 3.47
CA LEU A 20 24.58 -14.54 2.30
C LEU A 20 23.78 -14.35 1.01
N LYS A 21 22.73 -13.52 1.04
CA LYS A 21 21.76 -13.58 -0.09
C LYS A 21 22.30 -13.13 -1.41
N ASN A 22 23.33 -12.29 -1.42
CA ASN A 22 23.79 -11.74 -2.71
C ASN A 22 24.38 -12.80 -3.61
N LEU A 23 24.83 -13.94 -3.04
CA LEU A 23 25.23 -15.09 -3.85
C LEU A 23 24.24 -16.25 -3.90
N ARG A 24 23.08 -16.13 -3.27
CA ARG A 24 22.08 -17.17 -3.30
C ARG A 24 21.60 -17.27 -4.73
N LYS A 25 21.40 -18.50 -5.16
CA LYS A 25 21.05 -18.77 -6.55
C LYS A 25 19.55 -18.81 -6.79
N MET A 26 19.15 -18.36 -7.96
CA MET A 26 17.78 -18.39 -8.43
C MET A 26 17.91 -18.94 -9.84
N ASN A 27 17.32 -20.10 -10.08
CA ASN A 27 17.51 -20.78 -11.37
C ASN A 27 18.94 -20.79 -11.89
N GLY A 28 19.86 -21.20 -11.01
CA GLY A 28 21.20 -21.46 -11.42
C GLY A 28 22.18 -20.31 -11.42
N ILE A 29 21.71 -19.09 -11.18
CA ILE A 29 22.50 -17.89 -11.28
C ILE A 29 22.30 -17.09 -9.97
N SER A 30 23.41 -16.62 -9.39
CA SER A 30 23.38 -15.83 -8.17
C SER A 30 22.56 -14.54 -8.32
N LEU A 31 21.97 -14.06 -7.24
CA LEU A 31 21.28 -12.76 -7.27
C LEU A 31 22.22 -11.72 -7.91
N LEU A 32 23.48 -11.67 -7.43
CA LEU A 32 24.45 -10.77 -8.00
C LEU A 32 24.47 -10.87 -9.50
N GLY A 33 24.56 -12.11 -9.99
CA GLY A 33 24.62 -12.39 -11.40
C GLY A 33 23.47 -11.90 -12.22
N HIS A 34 22.28 -12.11 -11.72
CA HIS A 34 21.07 -11.67 -12.42
C HIS A 34 21.13 -10.17 -12.62
N THR A 35 21.54 -9.44 -11.59
CA THR A 35 21.62 -7.94 -11.76
C THR A 35 22.78 -7.51 -12.63
N ILE A 36 23.93 -8.15 -12.49
CA ILE A 36 25.01 -7.90 -13.45
C ILE A 36 24.56 -8.16 -14.88
N ASN A 37 23.90 -9.31 -15.13
CA ASN A 37 23.41 -9.59 -16.47
C ASN A 37 22.49 -8.48 -17.00
N ALA A 38 21.59 -8.04 -16.15
CA ALA A 38 20.70 -6.95 -16.49
C ALA A 38 21.47 -5.66 -16.81
N ALA A 39 22.49 -5.33 -16.00
CA ALA A 39 23.29 -4.16 -16.30
C ALA A 39 24.02 -4.29 -17.66
N ILE A 40 24.63 -5.44 -17.93
CA ILE A 40 25.30 -5.67 -19.22
C ILE A 40 24.30 -5.63 -20.38
N SER A 41 23.21 -6.36 -20.27
CA SER A 41 22.29 -6.43 -21.40
C SER A 41 21.57 -5.10 -21.63
N SER A 42 21.43 -4.26 -20.59
CA SER A 42 20.85 -2.94 -20.80
C SER A 42 21.59 -2.10 -21.87
N LYS A 43 22.91 -2.29 -21.96
CA LYS A 43 23.80 -1.51 -22.79
C LYS A 43 23.78 -0.01 -22.45
N CYS A 44 23.32 0.34 -21.26
CA CYS A 44 23.26 1.73 -20.91
C CYS A 44 24.56 2.23 -20.27
N PHE A 45 25.46 1.35 -19.87
CA PHE A 45 26.56 1.75 -19.00
C PHE A 45 27.93 1.70 -19.70
N ASP A 46 28.78 2.65 -19.39
CA ASP A 46 30.21 2.62 -19.80
C ASP A 46 30.97 1.63 -18.92
N ARG A 47 30.67 1.68 -17.62
CA ARG A 47 31.31 0.84 -16.60
C ARG A 47 30.31 0.34 -15.57
N ILE A 48 30.54 -0.88 -15.12
CA ILE A 48 29.70 -1.56 -14.11
C ILE A 48 30.61 -1.94 -12.95
N ILE A 49 30.32 -1.42 -11.74
CA ILE A 49 31.13 -1.59 -10.54
C ILE A 49 30.27 -2.42 -9.54
N VAL A 50 30.85 -3.46 -8.96
CA VAL A 50 30.26 -4.14 -7.81
C VAL A 50 31.11 -3.71 -6.65
N SER A 51 30.50 -3.12 -5.64
CA SER A 51 31.19 -2.78 -4.47
C SER A 51 30.86 -3.77 -3.33
N THR A 52 31.87 -4.34 -2.68
CA THR A 52 31.62 -5.36 -1.66
C THR A 52 32.78 -5.53 -0.72
N ASP A 53 32.48 -5.97 0.51
CA ASP A 53 33.54 -6.42 1.47
C ASP A 53 33.76 -7.94 1.41
N GLY A 54 32.97 -8.65 0.64
CA GLY A 54 33.04 -10.09 0.63
C GLY A 54 33.94 -10.63 -0.47
N GLY A 55 34.90 -11.46 -0.07
CA GLY A 55 35.78 -12.15 -1.06
C GLY A 55 35.08 -12.99 -2.12
N LEU A 56 34.09 -13.75 -1.71
CA LEU A 56 33.32 -14.58 -2.64
C LEU A 56 32.46 -13.73 -3.61
N ILE A 57 31.91 -12.65 -3.08
CA ILE A 57 31.15 -11.69 -3.91
C ILE A 57 32.09 -11.06 -4.95
N ALA A 58 33.27 -10.57 -4.53
CA ALA A 58 34.29 -10.01 -5.49
C ALA A 58 34.65 -11.01 -6.60
N GLU A 59 34.91 -12.28 -6.23
CA GLU A 59 35.21 -13.30 -7.22
C GLU A 59 34.10 -13.45 -8.21
N GLU A 60 32.87 -13.48 -7.72
CA GLU A 60 31.74 -13.69 -8.61
C GLU A 60 31.67 -12.54 -9.62
N ALA A 61 31.81 -11.31 -9.12
CA ALA A 61 31.77 -10.15 -9.99
C ALA A 61 32.84 -10.24 -11.09
N LYS A 62 34.08 -10.55 -10.70
CA LYS A 62 35.18 -10.70 -11.62
C LYS A 62 34.83 -11.74 -12.67
N ASN A 63 34.21 -12.85 -12.24
CA ASN A 63 33.77 -13.89 -13.17
C ASN A 63 32.77 -13.42 -14.19
N PHE A 64 32.03 -12.34 -13.91
CA PHE A 64 31.12 -11.72 -14.91
C PHE A 64 31.77 -10.60 -15.72
N GLY A 65 33.06 -10.35 -15.50
CA GLY A 65 33.76 -9.31 -16.30
C GLY A 65 33.48 -7.85 -15.96
N VAL A 66 33.07 -7.58 -14.74
CA VAL A 66 32.85 -6.19 -14.27
C VAL A 66 33.86 -5.83 -13.20
N GLU A 67 33.89 -4.54 -12.88
CA GLU A 67 34.88 -3.99 -11.94
C GLU A 67 34.42 -4.24 -10.50
N VAL A 68 35.39 -4.38 -9.58
CA VAL A 68 35.18 -4.56 -8.15
C VAL A 68 35.86 -3.43 -7.34
N VAL A 69 35.07 -2.82 -6.49
CA VAL A 69 35.52 -1.89 -5.49
C VAL A 69 35.46 -2.59 -4.16
N LEU A 70 36.55 -2.57 -3.42
CA LEU A 70 36.57 -3.11 -2.09
C LEU A 70 36.03 -2.07 -1.11
N ARG A 71 35.01 -2.49 -0.41
CA ARG A 71 34.35 -1.67 0.53
C ARG A 71 34.90 -1.93 1.90
N PRO A 72 35.34 -0.87 2.59
CA PRO A 72 35.80 -1.05 3.95
C PRO A 72 34.67 -1.45 4.92
N ALA A 73 35.06 -2.10 6.02
CA ALA A 73 34.06 -2.64 6.99
C ALA A 73 32.97 -1.64 7.39
N GLU A 74 33.38 -0.41 7.65
CA GLU A 74 32.48 0.62 8.11
C GLU A 74 31.37 0.95 7.12
N LEU A 75 31.60 0.77 5.81
CA LEU A 75 30.58 1.07 4.82
C LEU A 75 29.82 -0.17 4.41
N ALA A 76 30.11 -1.32 5.07
CA ALA A 76 29.42 -2.60 4.81
C ALA A 76 28.68 -3.15 6.04
N SER A 77 28.55 -2.34 7.09
CA SER A 77 27.79 -2.72 8.27
C SER A 77 26.29 -2.69 7.98
N ASP A 78 25.55 -3.27 8.93
CA ASP A 78 24.10 -3.31 8.89
C ASP A 78 23.48 -1.95 8.72
N THR A 79 24.08 -0.89 9.27
N THR A 79 24.11 -0.93 9.32
CA THR A 79 23.49 0.46 9.19
CA THR A 79 23.64 0.45 9.35
C THR A 79 24.12 1.38 8.16
C THR A 79 24.02 1.25 8.09
N ALA A 80 25.15 0.94 7.45
CA ALA A 80 25.72 1.78 6.40
C ALA A 80 24.72 2.11 5.29
N SER A 81 24.61 3.37 5.00
CA SER A 81 23.67 3.82 3.97
C SER A 81 24.14 3.40 2.58
N SER A 82 23.19 3.24 1.69
CA SER A 82 23.49 3.03 0.28
C SER A 82 24.19 4.23 -0.30
N ILE A 83 23.81 5.44 0.10
CA ILE A 83 24.39 6.62 -0.51
C ILE A 83 25.88 6.66 -0.23
N SER A 84 26.26 6.33 0.99
CA SER A 84 27.72 6.37 1.33
C SER A 84 28.51 5.32 0.51
N GLY A 85 27.86 4.22 0.21
CA GLY A 85 28.45 3.20 -0.63
C GLY A 85 28.64 3.65 -2.07
N VAL A 86 27.63 4.29 -2.65
CA VAL A 86 27.74 4.81 -4.04
C VAL A 86 28.82 5.89 -4.09
N ILE A 87 28.83 6.81 -3.08
CA ILE A 87 29.79 7.96 -3.06
C ILE A 87 31.23 7.40 -3.02
N HIS A 88 31.39 6.36 -2.21
CA HIS A 88 32.68 5.72 -2.08
C HIS A 88 33.11 5.02 -3.37
N ALA A 89 32.18 4.36 -4.03
CA ALA A 89 32.49 3.68 -5.28
C ALA A 89 32.95 4.66 -6.34
N LEU A 90 32.25 5.78 -6.44
CA LEU A 90 32.57 6.85 -7.33
C LEU A 90 33.89 7.49 -7.02
N GLU A 91 34.18 7.61 -5.74
CA GLU A 91 35.47 8.17 -5.32
C GLU A 91 36.58 7.23 -5.66
N THR A 92 36.38 5.93 -5.39
CA THR A 92 37.35 4.91 -5.68
C THR A 92 37.71 4.84 -7.20
N ILE A 93 36.74 4.90 -8.09
CA ILE A 93 37.09 4.88 -9.52
C ILE A 93 37.43 6.27 -10.05
N GLY A 94 37.12 7.32 -9.30
CA GLY A 94 37.44 8.72 -9.68
C GLY A 94 36.52 9.23 -10.74
N SER A 95 35.23 8.88 -10.64
CA SER A 95 34.21 9.43 -11.54
C SER A 95 33.33 10.45 -10.79
N ASN A 96 33.24 11.68 -11.30
CA ASN A 96 32.41 12.67 -10.70
C ASN A 96 31.51 13.38 -11.70
N SER A 97 31.33 12.80 -12.89
CA SER A 97 30.64 13.44 -14.00
C SER A 97 30.04 12.40 -14.99
N GLY A 98 28.75 12.50 -15.19
CA GLY A 98 28.01 11.66 -16.12
C GLY A 98 26.74 11.27 -15.43
N THR A 99 26.42 9.97 -15.44
CA THR A 99 25.31 9.43 -14.61
C THR A 99 25.79 8.24 -13.77
N VAL A 100 25.08 8.02 -12.68
CA VAL A 100 25.34 6.91 -11.76
C VAL A 100 24.00 6.28 -11.41
N THR A 101 23.96 4.95 -11.49
CA THR A 101 22.73 4.20 -11.38
C THR A 101 22.89 3.10 -10.33
N LEU A 102 22.03 3.08 -9.32
CA LEU A 102 22.12 2.06 -8.27
C LEU A 102 21.24 0.92 -8.71
N LEU A 103 21.81 -0.27 -8.68
CA LEU A 103 21.14 -1.49 -9.13
C LEU A 103 21.27 -2.57 -8.07
N GLN A 104 20.25 -2.64 -7.21
CA GLN A 104 20.25 -3.53 -6.07
C GLN A 104 20.10 -5.02 -6.52
N PRO A 105 20.94 -5.91 -5.98
CA PRO A 105 20.80 -7.34 -6.30
C PRO A 105 19.49 -7.95 -5.83
N THR A 106 18.86 -7.29 -4.86
CA THR A 106 17.59 -7.72 -4.35
C THR A 106 16.39 -7.54 -5.26
N SER A 107 16.60 -7.06 -6.48
CA SER A 107 15.52 -6.95 -7.48
C SER A 107 15.81 -7.78 -8.72
N PRO A 108 15.76 -9.12 -8.60
CA PRO A 108 16.31 -9.96 -9.68
C PRO A 108 15.43 -10.09 -10.88
N LEU A 109 14.17 -9.69 -10.79
CA LEU A 109 13.29 -9.67 -11.95
C LEU A 109 13.36 -8.31 -12.72
N ARG A 110 14.22 -7.39 -12.27
CA ARG A 110 14.47 -6.20 -13.02
C ARG A 110 15.53 -6.49 -14.13
N THR A 111 15.13 -6.39 -15.39
CA THR A 111 15.92 -6.77 -16.57
C THR A 111 16.67 -5.64 -17.17
N GLY A 112 17.52 -5.99 -18.13
CA GLY A 112 18.18 -5.00 -18.97
C GLY A 112 17.19 -4.12 -19.70
N ALA A 113 16.08 -4.72 -20.15
CA ALA A 113 15.06 -3.97 -20.83
C ALA A 113 14.47 -2.88 -19.88
N HIS A 114 14.20 -3.25 -18.64
CA HIS A 114 13.68 -2.29 -17.66
C HIS A 114 14.65 -1.13 -17.49
N ILE A 115 15.92 -1.50 -17.34
CA ILE A 115 16.95 -0.49 -17.16
C ILE A 115 16.98 0.42 -18.40
N ARG A 116 16.96 -0.18 -19.59
CA ARG A 116 17.01 0.64 -20.81
C ARG A 116 15.82 1.58 -20.93
N GLU A 117 14.64 1.07 -20.61
CA GLU A 117 13.42 1.91 -20.68
C GLU A 117 13.49 3.04 -19.66
N ALA A 118 13.97 2.74 -18.44
CA ALA A 118 14.14 3.78 -17.41
C ALA A 118 15.12 4.86 -17.84
N PHE A 119 16.24 4.41 -18.41
CA PHE A 119 17.26 5.30 -18.91
C PHE A 119 16.70 6.26 -19.93
N SER A 120 15.80 5.78 -20.76
CA SER A 120 15.17 6.67 -21.74
C SER A 120 14.39 7.88 -21.15
N LEU A 121 13.95 7.77 -19.89
CA LEU A 121 13.27 8.86 -19.17
C LEU A 121 14.21 9.93 -18.60
N PHE A 122 15.49 9.61 -18.52
CA PHE A 122 16.40 10.55 -17.94
C PHE A 122 16.70 11.71 -18.93
N ASP A 123 16.72 12.92 -18.41
CA ASP A 123 16.94 14.12 -19.16
C ASP A 123 18.27 14.72 -18.77
N GLU A 124 19.19 14.76 -19.74
CA GLU A 124 20.56 15.27 -19.51
C GLU A 124 20.56 16.77 -19.21
N LYS A 125 19.55 17.49 -19.70
CA LYS A 125 19.44 18.93 -19.42
C LYS A 125 18.90 19.19 -18.01
N ILE A 126 17.81 18.53 -17.66
CA ILE A 126 17.09 18.82 -16.40
C ILE A 126 17.68 18.12 -15.16
N LYS A 127 18.13 16.89 -15.33
CA LYS A 127 18.97 16.15 -14.35
C LYS A 127 18.26 15.73 -13.07
N GLY A 128 16.96 15.55 -13.18
CA GLY A 128 16.19 14.99 -12.11
C GLY A 128 16.39 13.48 -12.11
N SER A 129 16.15 12.87 -10.96
CA SER A 129 16.29 11.41 -10.83
C SER A 129 15.28 10.65 -11.66
N VAL A 130 15.64 9.43 -12.05
CA VAL A 130 14.68 8.42 -12.50
C VAL A 130 14.74 7.22 -11.57
N VAL A 131 13.60 6.88 -10.99
CA VAL A 131 13.48 5.81 -10.00
C VAL A 131 12.41 4.85 -10.42
N SER A 132 12.70 3.55 -10.37
CA SER A 132 11.69 2.57 -10.68
C SER A 132 10.72 2.43 -9.47
N ALA A 133 9.46 2.17 -9.79
CA ALA A 133 8.40 2.18 -8.84
C ALA A 133 7.32 1.20 -9.25
N CYS A 134 6.52 0.75 -8.29
CA CYS A 134 5.35 -0.06 -8.62
C CYS A 134 4.07 0.52 -8.06
N PRO A 135 2.91 0.03 -8.58
CA PRO A 135 1.61 0.45 -8.05
C PRO A 135 1.43 0.07 -6.59
N MET A 136 0.50 0.76 -5.96
CA MET A 136 0.18 0.62 -4.54
C MET A 136 -1.10 -0.22 -4.42
N GLU A 137 -1.13 -1.28 -3.61
CA GLU A 137 -2.37 -2.00 -3.34
C GLU A 137 -3.42 -1.06 -2.68
N HIS A 138 -2.96 -0.26 -1.73
CA HIS A 138 -3.81 0.66 -1.03
C HIS A 138 -3.42 2.08 -1.35
N HIS A 139 -4.40 2.86 -1.78
CA HIS A 139 -4.14 4.20 -2.27
C HIS A 139 -3.68 5.11 -1.16
N PRO A 140 -2.51 5.73 -1.33
CA PRO A 140 -1.97 6.57 -0.29
C PRO A 140 -2.73 7.85 0.06
N LEU A 141 -3.55 8.40 -0.85
CA LEU A 141 -4.57 9.40 -0.43
C LEU A 141 -5.64 8.89 0.51
N LYS A 142 -5.86 7.56 0.59
CA LYS A 142 -6.84 6.99 1.50
C LYS A 142 -6.22 6.62 2.86
N THR A 143 -5.53 7.59 3.44
CA THR A 143 -4.78 7.37 4.69
C THR A 143 -4.89 8.58 5.60
N LEU A 144 -4.56 8.36 6.85
CA LEU A 144 -4.55 9.43 7.83
C LEU A 144 -3.26 9.28 8.58
N LEU A 145 -2.72 10.42 9.05
CA LEU A 145 -1.43 10.44 9.75
C LEU A 145 -1.66 10.95 11.17
N GLN A 146 -0.97 10.35 12.13
CA GLN A 146 -1.09 10.65 13.58
C GLN A 146 -0.38 11.95 13.90
N ILE A 147 -1.09 12.92 14.45
CA ILE A 147 -0.53 14.27 14.65
C ILE A 147 -0.17 14.61 16.11
N ASN A 148 -0.86 14.02 17.09
CA ASN A 148 -0.39 14.05 18.49
C ASN A 148 -1.01 12.92 19.33
N ASN A 149 -0.57 11.70 19.04
CA ASN A 149 -1.02 10.46 19.72
C ASN A 149 -2.49 10.10 19.45
N GLY A 150 -3.43 10.83 20.07
CA GLY A 150 -4.87 10.61 19.89
C GLY A 150 -5.53 11.24 18.66
N GLU A 151 -4.80 12.09 17.91
CA GLU A 151 -5.38 12.83 16.78
C GLU A 151 -4.75 12.45 15.43
N TYR A 152 -5.58 12.41 14.39
CA TYR A 152 -5.16 11.97 13.07
C TYR A 152 -5.65 12.99 12.07
N ALA A 153 -4.87 13.30 11.03
CA ALA A 153 -5.39 14.18 9.97
C ALA A 153 -5.34 13.42 8.68
N PRO A 154 -6.32 13.63 7.79
CA PRO A 154 -6.19 13.10 6.44
C PRO A 154 -4.82 13.40 5.77
N MET A 155 -4.36 12.46 4.96
CA MET A 155 -3.20 12.70 4.09
C MET A 155 -3.35 13.99 3.31
N ARG A 156 -4.46 14.12 2.59
CA ARG A 156 -4.73 15.34 1.84
C ARG A 156 -6.11 15.91 2.23
N HIS A 157 -7.18 15.51 1.56
CA HIS A 157 -8.56 15.92 1.93
C HIS A 157 -9.29 14.78 2.67
N LEU A 158 -10.16 15.13 3.64
CA LEU A 158 -11.20 14.18 4.14
C LEU A 158 -11.98 13.47 3.01
N SER A 159 -12.34 14.20 1.97
N SER A 159 -12.36 14.23 1.99
CA SER A 159 -13.09 13.70 0.82
CA SER A 159 -13.09 13.75 0.82
C SER A 159 -12.35 12.66 0.00
C SER A 159 -12.36 12.67 0.02
N ASP A 160 -11.03 12.67 0.08
CA ASP A 160 -10.21 11.69 -0.60
C ASP A 160 -10.47 10.27 -0.03
N LEU A 161 -10.76 10.23 1.27
CA LEU A 161 -10.90 8.97 1.97
C LEU A 161 -12.02 8.13 1.38
N GLU A 162 -13.03 8.78 0.82
CA GLU A 162 -14.18 8.06 0.32
C GLU A 162 -14.35 8.21 -1.20
N GLN A 163 -13.48 8.96 -1.84
CA GLN A 163 -13.50 9.11 -3.30
C GLN A 163 -13.37 7.79 -4.00
N PRO A 164 -14.17 7.54 -5.07
CA PRO A 164 -13.93 6.28 -5.77
C PRO A 164 -12.49 6.29 -6.35
N ARG A 165 -11.75 5.19 -6.19
CA ARG A 165 -10.30 5.14 -6.47
C ARG A 165 -9.87 5.65 -7.88
N GLN A 166 -10.59 5.15 -8.88
CA GLN A 166 -10.37 5.53 -10.28
C GLN A 166 -10.48 7.04 -10.57
N GLN A 167 -11.11 7.81 -9.68
CA GLN A 167 -11.08 9.29 -9.78
C GLN A 167 -9.94 10.00 -9.05
N LEU A 168 -9.05 9.26 -8.41
CA LEU A 168 -7.90 9.84 -7.75
C LEU A 168 -6.67 9.69 -8.68
N PRO A 169 -5.69 10.58 -8.56
CA PRO A 169 -4.46 10.39 -9.33
C PRO A 169 -3.79 9.04 -8.93
N GLN A 170 -3.25 8.30 -9.88
CA GLN A 170 -2.66 7.00 -9.59
C GLN A 170 -1.39 7.23 -8.76
N ALA A 171 -1.09 6.27 -7.88
CA ALA A 171 0.01 6.39 -6.96
C ALA A 171 0.99 5.26 -7.08
N PHE A 172 2.23 5.56 -6.77
CA PHE A 172 3.29 4.59 -6.92
C PHE A 172 4.34 4.73 -5.84
N ARG A 173 5.01 3.63 -5.52
CA ARG A 173 6.13 3.65 -4.59
C ARG A 173 7.40 3.12 -5.21
N PRO A 174 8.53 3.75 -4.88
CA PRO A 174 9.82 3.21 -5.28
C PRO A 174 9.93 1.75 -4.93
N ASN A 175 10.41 0.95 -5.87
CA ASN A 175 10.56 -0.50 -5.61
C ASN A 175 11.99 -0.93 -5.28
N GLY A 176 12.92 0.00 -5.31
CA GLY A 176 14.34 -0.33 -4.99
C GLY A 176 15.19 -0.87 -6.12
N ALA A 177 14.63 -1.15 -7.29
CA ALA A 177 15.33 -1.84 -8.37
C ALA A 177 16.32 -0.93 -9.15
N ILE A 178 15.97 0.33 -9.26
CA ILE A 178 16.72 1.28 -10.18
C ILE A 178 16.61 2.69 -9.65
N TYR A 179 17.75 3.31 -9.46
CA TYR A 179 17.85 4.75 -9.16
C TYR A 179 18.88 5.38 -10.08
N ILE A 180 18.44 6.21 -10.99
CA ILE A 180 19.34 6.89 -11.94
C ILE A 180 19.45 8.38 -11.54
N ASN A 181 20.69 8.88 -11.42
CA ASN A 181 20.97 10.28 -11.24
C ASN A 181 22.13 10.77 -12.07
N ASP A 182 22.15 12.09 -12.26
CA ASP A 182 23.34 12.85 -12.62
C ASP A 182 24.37 12.73 -11.52
N THR A 183 25.57 12.40 -11.92
CA THR A 183 26.60 12.09 -10.92
C THR A 183 26.98 13.30 -10.10
N ALA A 184 27.29 14.41 -10.74
CA ALA A 184 27.62 15.60 -9.93
C ALA A 184 26.44 16.01 -9.02
N SER A 185 25.18 15.91 -9.50
CA SER A 185 24.05 16.22 -8.66
C SER A 185 23.94 15.29 -7.45
N LEU A 186 24.15 13.99 -7.67
CA LEU A 186 24.10 13.00 -6.56
C LEU A 186 25.18 13.28 -5.53
N ILE A 187 26.37 13.54 -5.99
CA ILE A 187 27.49 13.92 -5.07
C ILE A 187 27.16 15.22 -4.30
N ALA A 188 26.67 16.26 -4.99
CA ALA A 188 26.36 17.53 -4.28
C ALA A 188 25.19 17.38 -3.30
N ASN A 189 24.13 16.62 -3.66
CA ASN A 189 22.97 16.47 -2.77
C ASN A 189 23.06 15.33 -1.78
N ASN A 190 23.99 14.38 -1.99
CA ASN A 190 24.18 13.23 -1.14
C ASN A 190 22.87 12.46 -0.83
N CYS A 191 22.09 12.23 -1.88
CA CYS A 191 20.86 11.53 -1.83
C CYS A 191 20.49 10.99 -3.23
N PHE A 192 19.45 10.15 -3.26
CA PHE A 192 19.01 9.47 -4.48
C PHE A 192 17.83 10.11 -5.19
N PHE A 193 17.08 10.93 -4.45
CA PHE A 193 15.88 11.65 -5.01
C PHE A 193 16.19 13.11 -5.15
N ILE A 194 16.33 13.53 -6.41
CA ILE A 194 16.67 14.90 -6.76
C ILE A 194 15.57 15.41 -7.68
N ALA A 195 15.01 16.57 -7.38
CA ALA A 195 13.88 17.08 -8.18
C ALA A 195 14.35 17.51 -9.59
N PRO A 196 13.48 17.44 -10.59
CA PRO A 196 12.16 16.82 -10.57
C PRO A 196 12.30 15.34 -10.79
N THR A 197 11.88 14.51 -9.82
CA THR A 197 11.97 13.09 -9.98
C THR A 197 10.89 12.51 -10.85
N LYS A 198 11.28 11.64 -11.79
N LYS A 198 11.28 11.65 -11.80
CA LYS A 198 10.35 10.85 -12.59
CA LYS A 198 10.35 10.84 -12.58
C LYS A 198 10.46 9.35 -12.33
C LYS A 198 10.41 9.38 -12.16
N LEU A 199 9.33 8.66 -12.44
CA LEU A 199 9.26 7.23 -12.20
C LEU A 199 9.28 6.45 -13.50
N TYR A 200 9.85 5.28 -13.38
CA TYR A 200 9.73 4.20 -14.33
C TYR A 200 8.89 3.14 -13.68
N ILE A 201 7.72 2.87 -14.28
CA ILE A 201 6.73 2.01 -13.67
C ILE A 201 6.99 0.56 -14.03
N MET A 202 7.05 -0.27 -13.00
CA MET A 202 7.15 -1.73 -13.11
C MET A 202 5.97 -2.44 -12.46
N SER A 203 5.66 -3.64 -12.93
CA SER A 203 4.62 -4.45 -12.28
C SER A 203 5.03 -4.83 -10.86
N HIS A 204 4.02 -5.12 -10.04
CA HIS A 204 4.22 -5.78 -8.76
C HIS A 204 5.07 -7.00 -8.86
N GLN A 205 4.78 -7.83 -9.86
CA GLN A 205 5.55 -9.08 -10.05
C GLN A 205 7.03 -8.85 -10.35
N ASP A 206 7.35 -7.93 -11.27
CA ASP A 206 8.73 -7.66 -11.64
C ASP A 206 9.49 -6.86 -10.55
N SER A 207 8.74 -6.32 -9.58
CA SER A 207 9.26 -5.55 -8.48
C SER A 207 9.63 -6.39 -7.24
N ILE A 208 9.54 -7.72 -7.36
CA ILE A 208 9.68 -8.53 -6.19
C ILE A 208 11.06 -8.24 -5.61
N ASP A 209 11.09 -8.13 -4.29
N ASP A 209 11.15 -8.06 -4.30
CA ASP A 209 12.27 -7.81 -3.55
CA ASP A 209 12.45 -7.80 -3.73
C ASP A 209 12.67 -9.06 -2.78
C ASP A 209 12.77 -8.77 -2.61
N ILE A 210 13.97 -9.37 -2.70
CA ILE A 210 14.40 -10.57 -1.95
C ILE A 210 14.88 -10.20 -0.56
N ASP A 211 14.01 -10.40 0.43
CA ASP A 211 14.37 -10.26 1.84
C ASP A 211 14.35 -11.58 2.65
N THR A 212 13.71 -12.61 2.09
CA THR A 212 13.53 -13.90 2.76
C THR A 212 13.66 -15.03 1.79
N GLU A 213 13.83 -16.21 2.38
CA GLU A 213 13.96 -17.45 1.65
C GLU A 213 12.72 -17.62 0.79
N LEU A 214 11.54 -17.33 1.36
CA LEU A 214 10.28 -17.46 0.62
C LEU A 214 10.25 -16.54 -0.57
N ASP A 215 10.70 -15.32 -0.39
CA ASP A 215 10.84 -14.41 -1.55
C ASP A 215 11.66 -15.03 -2.70
N LEU A 216 12.80 -15.62 -2.37
CA LEU A 216 13.67 -16.23 -3.37
C LEU A 216 12.99 -17.36 -4.14
N GLN A 217 12.25 -18.19 -3.38
CA GLN A 217 11.44 -19.27 -3.98
C GLN A 217 10.37 -18.72 -4.90
N GLN A 218 9.73 -17.63 -4.49
CA GLN A 218 8.68 -16.98 -5.30
C GLN A 218 9.21 -16.44 -6.61
N ALA A 219 10.40 -15.86 -6.56
CA ALA A 219 11.01 -15.28 -7.76
C ALA A 219 11.33 -16.41 -8.73
N GLU A 220 11.82 -17.50 -8.17
CA GLU A 220 12.22 -18.68 -8.94
C GLU A 220 11.00 -19.32 -9.60
N ASN A 221 9.90 -19.41 -8.87
CA ASN A 221 8.65 -19.94 -9.45
C ASN A 221 8.06 -19.02 -10.52
N ILE A 222 8.13 -17.70 -10.31
CA ILE A 222 7.80 -16.71 -11.34
C ILE A 222 8.60 -16.88 -12.64
N LEU A 223 9.94 -16.95 -12.57
CA LEU A 223 10.73 -17.28 -13.78
C LEU A 223 10.35 -18.60 -14.40
N ASN A 224 10.05 -19.60 -13.59
CA ASN A 224 9.60 -20.91 -14.14
C ASN A 224 8.24 -20.85 -14.90
N HIS A 225 7.34 -19.93 -14.54
CA HIS A 225 5.98 -19.88 -15.12
C HIS A 225 5.91 -19.16 -16.51
N MET B 1 -39.31 13.69 16.85
CA MET B 1 -38.70 12.33 16.80
C MET B 1 -37.47 12.12 17.74
N GLU B 2 -37.57 11.12 18.63
CA GLU B 2 -36.45 10.67 19.47
C GLU B 2 -35.25 10.20 18.62
N LYS B 3 -34.08 10.26 19.23
CA LYS B 3 -32.87 9.77 18.59
C LYS B 3 -32.88 8.26 18.53
N GLN B 4 -32.36 7.71 17.47
CA GLN B 4 -32.14 6.29 17.36
C GLN B 4 -30.70 6.02 16.88
N ASN B 5 -30.08 5.01 17.49
CA ASN B 5 -28.87 4.42 16.97
C ASN B 5 -29.21 3.35 15.93
N ILE B 6 -28.87 3.67 14.67
CA ILE B 6 -29.14 2.83 13.49
C ILE B 6 -27.88 2.17 12.95
N ALA B 7 -27.94 0.86 12.68
CA ALA B 7 -26.88 0.15 11.97
C ALA B 7 -27.42 -0.09 10.58
N VAL B 8 -26.64 0.31 9.58
CA VAL B 8 -26.98 0.05 8.16
C VAL B 8 -25.94 -0.85 7.53
N ILE B 9 -26.37 -2.04 7.05
CA ILE B 9 -25.55 -3.01 6.41
C ILE B 9 -25.91 -2.98 4.92
N LEU B 10 -25.04 -2.41 4.09
CA LEU B 10 -25.39 -2.37 2.66
C LEU B 10 -24.92 -3.69 2.07
N ALA B 11 -25.82 -4.43 1.44
CA ALA B 11 -25.43 -5.79 0.92
C ALA B 11 -26.12 -6.04 -0.37
N ARG B 12 -25.61 -5.44 -1.44
CA ARG B 12 -26.24 -5.68 -2.77
C ARG B 12 -25.90 -7.10 -3.26
N GLN B 13 -26.61 -7.59 -4.27
CA GLN B 13 -26.34 -8.95 -4.71
C GLN B 13 -25.08 -9.07 -5.56
N ASN B 14 -24.92 -8.11 -6.47
CA ASN B 14 -23.83 -8.19 -7.41
C ASN B 14 -22.45 -7.85 -6.79
N SER B 15 -21.48 -8.71 -7.09
CA SER B 15 -20.08 -8.43 -6.85
C SER B 15 -19.28 -8.96 -8.05
N LYS B 16 -18.68 -8.06 -8.80
CA LYS B 16 -17.77 -8.48 -9.87
C LYS B 16 -16.58 -9.26 -9.32
N GLY B 17 -16.01 -8.78 -8.21
CA GLY B 17 -14.88 -9.44 -7.58
C GLY B 17 -15.15 -10.93 -7.39
N LEU B 18 -15.77 -11.26 -6.27
CA LEU B 18 -16.16 -12.62 -5.94
C LEU B 18 -17.66 -12.69 -6.11
N PRO B 19 -18.17 -13.57 -7.00
CA PRO B 19 -19.61 -13.64 -7.24
C PRO B 19 -20.48 -13.83 -6.00
N LEU B 20 -21.59 -13.08 -5.91
CA LEU B 20 -22.59 -13.26 -4.82
C LEU B 20 -21.98 -13.32 -3.39
N LYS B 21 -20.93 -12.54 -3.16
CA LYS B 21 -20.11 -12.75 -1.97
C LYS B 21 -20.80 -12.47 -0.65
N ASN B 22 -21.82 -11.61 -0.64
CA ASN B 22 -22.51 -11.29 0.63
C ASN B 22 -23.19 -12.53 1.24
N LEU B 23 -23.50 -13.55 0.45
CA LEU B 23 -24.04 -14.82 0.97
C LEU B 23 -23.06 -15.96 0.98
N ARG B 24 -21.83 -15.73 0.51
CA ARG B 24 -20.80 -16.75 0.62
C ARG B 24 -20.57 -17.05 2.10
N LYS B 25 -20.41 -18.33 2.42
CA LYS B 25 -20.28 -18.74 3.82
C LYS B 25 -18.82 -18.81 4.28
N MET B 26 -18.63 -18.55 5.56
CA MET B 26 -17.43 -18.76 6.31
C MET B 26 -17.84 -19.45 7.62
N ASN B 27 -17.23 -20.60 7.92
CA ASN B 27 -17.68 -21.42 9.05
C ASN B 27 -19.18 -21.65 9.12
N GLY B 28 -19.81 -21.86 7.97
CA GLY B 28 -21.23 -22.12 7.95
C GLY B 28 -22.18 -20.93 7.98
N ILE B 29 -21.67 -19.71 8.15
CA ILE B 29 -22.53 -18.51 8.22
C ILE B 29 -22.16 -17.56 7.10
N SER B 30 -23.15 -17.01 6.43
CA SER B 30 -22.83 -16.07 5.38
C SER B 30 -22.07 -14.85 5.95
N LEU B 31 -21.38 -14.20 5.05
CA LEU B 31 -20.78 -12.90 5.36
C LEU B 31 -21.84 -11.95 5.88
N LEU B 32 -23.01 -11.88 5.26
CA LEU B 32 -24.05 -11.05 5.78
C LEU B 32 -24.36 -11.37 7.25
N GLY B 33 -24.51 -12.66 7.51
CA GLY B 33 -24.79 -13.17 8.82
C GLY B 33 -23.79 -12.81 9.87
N HIS B 34 -22.51 -12.89 9.52
CA HIS B 34 -21.43 -12.57 10.48
C HIS B 34 -21.52 -11.11 10.88
N THR B 35 -21.82 -10.25 9.90
CA THR B 35 -21.96 -8.81 10.18
C THR B 35 -23.23 -8.51 10.97
N ILE B 36 -24.34 -9.20 10.64
CA ILE B 36 -25.58 -9.04 11.41
C ILE B 36 -25.35 -9.45 12.87
N ASN B 37 -24.72 -10.62 13.09
CA ASN B 37 -24.37 -11.11 14.43
C ASN B 37 -23.48 -10.13 15.22
N ALA B 38 -22.54 -9.51 14.53
CA ALA B 38 -21.71 -8.46 15.12
C ALA B 38 -22.55 -7.26 15.56
N ALA B 39 -23.47 -6.84 14.70
CA ALA B 39 -24.33 -5.71 15.02
C ALA B 39 -25.21 -6.03 16.26
N ILE B 40 -25.79 -7.21 16.30
CA ILE B 40 -26.68 -7.63 17.38
C ILE B 40 -25.91 -7.81 18.70
N SER B 41 -24.82 -8.56 18.67
CA SER B 41 -24.05 -8.81 19.87
C SER B 41 -23.40 -7.56 20.43
N SER B 42 -23.12 -6.56 19.59
CA SER B 42 -22.59 -5.28 20.12
C SER B 42 -23.52 -4.58 21.13
N LYS B 43 -24.83 -4.75 20.97
CA LYS B 43 -25.85 -4.09 21.75
C LYS B 43 -25.77 -2.59 21.67
N CYS B 44 -25.22 -2.11 20.55
CA CYS B 44 -25.01 -0.71 20.37
C CYS B 44 -26.19 -0.06 19.64
N PHE B 45 -27.06 -0.89 19.04
CA PHE B 45 -28.04 -0.36 18.12
C PHE B 45 -29.46 -0.56 18.58
N ASP B 46 -30.32 0.41 18.23
CA ASP B 46 -31.75 0.31 18.41
C ASP B 46 -32.33 -0.48 17.26
N ARG B 47 -31.81 -0.26 16.05
CA ARG B 47 -32.36 -0.89 14.86
C ARG B 47 -31.21 -1.25 13.92
N ILE B 48 -31.36 -2.41 13.29
CA ILE B 48 -30.39 -2.94 12.36
C ILE B 48 -31.09 -3.11 11.03
N ILE B 49 -30.60 -2.42 10.01
CA ILE B 49 -31.14 -2.43 8.66
C ILE B 49 -30.16 -3.10 7.70
N VAL B 50 -30.65 -4.08 6.92
CA VAL B 50 -29.96 -4.56 5.72
C VAL B 50 -30.62 -3.95 4.50
N SER B 51 -29.84 -3.17 3.74
CA SER B 51 -30.29 -2.54 2.54
C SER B 51 -29.76 -3.35 1.40
N THR B 52 -30.67 -3.80 0.55
N THR B 52 -30.63 -3.74 0.49
CA THR B 52 -30.30 -4.70 -0.56
CA THR B 52 -30.26 -4.68 -0.56
C THR B 52 -31.26 -4.50 -1.72
C THR B 52 -31.26 -4.60 -1.70
N ASP B 53 -30.78 -4.83 -2.92
CA ASP B 53 -31.68 -4.82 -4.10
C ASP B 53 -32.76 -5.93 -4.03
N GLY B 54 -32.48 -7.00 -3.30
CA GLY B 54 -33.59 -7.86 -2.79
C GLY B 54 -33.26 -9.35 -2.75
N GLY B 55 -34.21 -10.19 -3.19
CA GLY B 55 -33.97 -11.67 -3.29
C GLY B 55 -33.47 -12.44 -2.09
N LEU B 56 -32.48 -13.29 -2.32
CA LEU B 56 -31.95 -14.16 -1.25
C LEU B 56 -31.26 -13.43 -0.12
N ILE B 57 -30.69 -12.25 -0.41
CA ILE B 57 -30.12 -11.37 0.69
C ILE B 57 -31.22 -10.86 1.59
N ALA B 58 -32.30 -10.34 1.00
CA ALA B 58 -33.44 -9.89 1.78
C ALA B 58 -33.96 -11.02 2.67
N GLU B 59 -34.14 -12.22 2.11
CA GLU B 59 -34.57 -13.39 2.92
C GLU B 59 -33.64 -13.78 4.06
N GLU B 60 -32.35 -13.80 3.78
CA GLU B 60 -31.35 -14.07 4.80
C GLU B 60 -31.46 -13.05 5.95
N ALA B 61 -31.55 -11.77 5.58
CA ALA B 61 -31.66 -10.71 6.60
C ALA B 61 -32.92 -10.89 7.48
N LYS B 62 -34.04 -11.18 6.85
CA LYS B 62 -35.28 -11.47 7.60
C LYS B 62 -35.17 -12.69 8.52
N ASN B 63 -34.46 -13.72 8.08
CA ASN B 63 -34.18 -14.88 8.96
C ASN B 63 -33.32 -14.58 10.16
N PHE B 64 -32.51 -13.51 10.10
CA PHE B 64 -31.76 -13.05 11.28
C PHE B 64 -32.55 -12.09 12.19
N GLY B 65 -33.81 -11.80 11.88
CA GLY B 65 -34.60 -10.89 12.68
C GLY B 65 -34.30 -9.39 12.54
N VAL B 66 -33.75 -8.95 11.41
CA VAL B 66 -33.42 -7.52 11.23
C VAL B 66 -34.27 -6.93 10.14
N GLU B 67 -34.25 -5.62 9.99
CA GLU B 67 -35.16 -4.97 9.03
C GLU B 67 -34.49 -5.02 7.65
N VAL B 68 -35.28 -4.97 6.60
CA VAL B 68 -34.82 -4.87 5.20
C VAL B 68 -35.38 -3.63 4.52
N VAL B 69 -34.47 -2.95 3.86
CA VAL B 69 -34.81 -1.87 2.99
C VAL B 69 -34.46 -2.35 1.62
N LEU B 70 -35.39 -2.16 0.69
CA LEU B 70 -35.15 -2.51 -0.69
C LEU B 70 -34.67 -1.30 -1.43
N ARG B 71 -33.46 -1.37 -1.93
CA ARG B 71 -32.92 -0.35 -2.83
C ARG B 71 -33.34 -0.57 -4.27
N PRO B 72 -33.78 0.47 -4.99
CA PRO B 72 -33.92 0.31 -6.45
C PRO B 72 -32.60 -0.05 -7.16
N ALA B 73 -32.71 -0.67 -8.34
CA ALA B 73 -31.52 -1.10 -9.09
C ALA B 73 -30.46 -0.01 -9.21
N GLU B 74 -30.88 1.24 -9.42
CA GLU B 74 -29.93 2.31 -9.69
C GLU B 74 -29.02 2.52 -8.45
N LEU B 75 -29.61 2.35 -7.26
CA LEU B 75 -28.85 2.53 -6.02
C LEU B 75 -28.10 1.30 -5.56
N ALA B 76 -28.20 0.17 -6.28
CA ALA B 76 -27.37 -0.98 -6.03
C ALA B 76 -26.50 -1.31 -7.24
N SER B 77 -26.32 -0.36 -8.18
CA SER B 77 -25.40 -0.58 -9.33
C SER B 77 -23.94 -0.55 -8.91
N ASP B 78 -23.04 -0.86 -9.86
CA ASP B 78 -21.61 -0.99 -9.55
C ASP B 78 -21.02 0.37 -9.22
N THR B 79 -21.65 1.43 -9.69
CA THR B 79 -21.17 2.79 -9.45
C THR B 79 -21.84 3.52 -8.28
N ALA B 80 -22.90 2.96 -7.71
CA ALA B 80 -23.67 3.63 -6.72
C ALA B 80 -22.82 3.80 -5.47
N SER B 81 -22.75 5.01 -4.97
CA SER B 81 -21.96 5.28 -3.80
C SER B 81 -22.58 4.65 -2.51
N SER B 82 -21.69 4.29 -1.57
CA SER B 82 -22.14 3.80 -0.25
C SER B 82 -22.96 4.87 0.48
N ILE B 83 -22.52 6.14 0.41
CA ILE B 83 -23.25 7.19 1.06
C ILE B 83 -24.71 7.28 0.58
N SER B 84 -24.91 7.19 -0.73
CA SER B 84 -26.27 7.24 -1.27
C SER B 84 -27.14 6.10 -0.75
N GLY B 85 -26.55 4.91 -0.51
CA GLY B 85 -27.30 3.80 0.01
C GLY B 85 -27.67 4.02 1.49
N VAL B 86 -26.74 4.56 2.25
CA VAL B 86 -27.01 4.87 3.67
C VAL B 86 -28.05 6.01 3.77
N ILE B 87 -27.89 7.07 2.98
CA ILE B 87 -28.93 8.13 2.97
C ILE B 87 -30.34 7.56 2.64
N HIS B 88 -30.39 6.72 1.62
CA HIS B 88 -31.64 6.06 1.25
C HIS B 88 -32.26 5.23 2.36
N ALA B 89 -31.43 4.50 3.07
CA ALA B 89 -31.87 3.65 4.16
C ALA B 89 -32.53 4.51 5.25
N LEU B 90 -31.84 5.56 5.61
CA LEU B 90 -32.28 6.47 6.67
C LEU B 90 -33.63 7.12 6.27
N GLU B 91 -33.73 7.56 5.03
CA GLU B 91 -34.98 8.16 4.51
C GLU B 91 -36.12 7.15 4.48
N THR B 92 -35.83 5.90 4.11
CA THR B 92 -36.82 4.87 4.03
C THR B 92 -37.40 4.56 5.42
N ILE B 93 -36.56 4.35 6.41
CA ILE B 93 -37.07 4.15 7.78
C ILE B 93 -37.53 5.46 8.49
N GLY B 94 -37.12 6.59 7.95
CA GLY B 94 -37.48 7.91 8.45
C GLY B 94 -36.73 8.29 9.70
N SER B 95 -35.43 8.00 9.77
CA SER B 95 -34.60 8.44 10.90
C SER B 95 -33.68 9.56 10.46
N ASN B 96 -33.64 10.66 11.18
CA ASN B 96 -32.72 11.73 10.82
C ASN B 96 -32.03 12.29 12.05
N SER B 97 -32.05 11.54 13.15
CA SER B 97 -31.49 12.00 14.41
C SER B 97 -30.97 10.84 15.23
N GLY B 98 -29.72 10.89 15.69
CA GLY B 98 -29.12 9.84 16.52
C GLY B 98 -27.73 9.51 15.96
N THR B 99 -27.41 8.21 15.86
CA THR B 99 -26.20 7.77 15.16
C THR B 99 -26.54 6.79 14.05
N VAL B 100 -25.72 6.84 13.00
CA VAL B 100 -25.78 5.89 11.91
C VAL B 100 -24.41 5.24 11.70
N THR B 101 -24.41 3.91 11.69
CA THR B 101 -23.16 3.17 11.61
C THR B 101 -23.19 2.27 10.41
N LEU B 102 -22.26 2.47 9.49
CA LEU B 102 -22.12 1.57 8.34
C LEU B 102 -21.28 0.36 8.73
N LEU B 103 -21.82 -0.85 8.50
CA LEU B 103 -21.13 -2.09 8.77
C LEU B 103 -21.08 -2.94 7.50
N GLN B 104 -19.92 -3.01 6.84
CA GLN B 104 -19.82 -3.73 5.53
C GLN B 104 -19.68 -5.22 5.75
N PRO B 105 -20.46 -6.03 5.04
CA PRO B 105 -20.31 -7.50 5.13
C PRO B 105 -18.95 -8.05 4.75
N THR B 106 -18.20 -7.28 3.98
CA THR B 106 -16.83 -7.60 3.59
C THR B 106 -15.78 -7.55 4.69
N SER B 107 -16.17 -7.31 5.97
CA SER B 107 -15.24 -7.34 7.09
C SER B 107 -15.76 -8.32 8.11
N PRO B 108 -15.69 -9.63 7.79
CA PRO B 108 -16.31 -10.63 8.67
C PRO B 108 -15.57 -10.89 9.96
N LEU B 109 -14.36 -10.39 10.11
CA LEU B 109 -13.64 -10.57 11.35
C LEU B 109 -13.83 -9.45 12.34
N ARG B 110 -14.60 -8.43 11.95
CA ARG B 110 -14.98 -7.35 12.81
C ARG B 110 -16.18 -7.81 13.63
N THR B 111 -16.01 -7.90 14.94
CA THR B 111 -16.95 -8.47 15.88
C THR B 111 -17.76 -7.42 16.61
N GLY B 112 -18.73 -7.86 17.42
CA GLY B 112 -19.57 -6.96 18.20
C GLY B 112 -18.77 -6.25 19.27
N ALA B 113 -17.71 -6.91 19.73
CA ALA B 113 -16.83 -6.30 20.70
C ALA B 113 -16.05 -5.18 20.07
N HIS B 114 -15.66 -5.35 18.80
CA HIS B 114 -15.02 -4.28 18.05
C HIS B 114 -15.92 -3.07 17.91
N ILE B 115 -17.20 -3.34 17.63
CA ILE B 115 -18.20 -2.28 17.47
C ILE B 115 -18.36 -1.56 18.79
N ARG B 116 -18.48 -2.29 19.90
N ARG B 116 -18.49 -2.28 19.91
CA ARG B 116 -18.64 -1.67 21.22
CA ARG B 116 -18.63 -1.63 21.21
C ARG B 116 -17.47 -0.75 21.56
C ARG B 116 -17.45 -0.71 21.55
N GLU B 117 -16.23 -1.21 21.34
CA GLU B 117 -15.04 -0.42 21.62
C GLU B 117 -15.00 0.79 20.69
N ALA B 118 -15.35 0.63 19.43
CA ALA B 118 -15.39 1.82 18.56
C ALA B 118 -16.41 2.84 19.04
N PHE B 119 -17.58 2.35 19.46
CA PHE B 119 -18.59 3.24 20.03
C PHE B 119 -18.10 4.05 21.25
N SER B 120 -17.22 3.45 22.04
CA SER B 120 -16.67 4.12 23.22
C SER B 120 -15.92 5.40 22.87
N LEU B 121 -15.53 5.51 21.59
CA LEU B 121 -14.75 6.60 21.10
C LEU B 121 -15.59 7.70 20.52
N PHE B 122 -16.88 7.45 20.34
CA PHE B 122 -17.75 8.39 19.70
C PHE B 122 -18.19 9.46 20.70
N ASP B 123 -17.96 10.73 20.34
CA ASP B 123 -18.28 11.88 21.22
C ASP B 123 -19.62 12.48 20.79
N GLU B 124 -20.68 12.28 21.59
CA GLU B 124 -22.03 12.81 21.37
C GLU B 124 -22.10 14.32 21.18
N LYS B 125 -21.24 15.03 21.88
CA LYS B 125 -21.19 16.49 21.79
C LYS B 125 -20.41 16.92 20.57
N ILE B 126 -19.21 16.38 20.39
CA ILE B 126 -18.34 16.82 19.31
C ILE B 126 -18.79 16.31 17.92
N LYS B 127 -19.24 15.06 17.87
CA LYS B 127 -19.87 14.45 16.70
C LYS B 127 -18.99 14.26 15.49
N GLY B 128 -17.67 14.11 15.67
CA GLY B 128 -16.82 13.68 14.59
C GLY B 128 -16.97 12.16 14.38
N SER B 129 -16.62 11.72 13.20
CA SER B 129 -16.72 10.27 12.85
C SER B 129 -15.86 9.38 13.72
N VAL B 130 -16.25 8.12 13.91
CA VAL B 130 -15.33 7.08 14.37
C VAL B 130 -15.24 6.06 13.22
N VAL B 131 -14.03 5.85 12.75
CA VAL B 131 -13.81 5.01 11.60
C VAL B 131 -12.77 3.98 11.94
N SER B 132 -13.06 2.72 11.71
CA SER B 132 -12.04 1.66 11.93
C SER B 132 -10.97 1.70 10.89
N ALA B 133 -9.74 1.45 11.34
CA ALA B 133 -8.55 1.61 10.52
C ALA B 133 -7.46 0.66 10.98
N CYS B 134 -6.52 0.43 10.07
CA CYS B 134 -5.34 -0.38 10.38
C CYS B 134 -4.07 0.23 9.87
N PRO B 135 -2.95 -0.18 10.49
CA PRO B 135 -1.66 0.32 10.06
C PRO B 135 -1.37 -0.03 8.61
N MET B 136 -0.52 0.79 7.99
CA MET B 136 -0.16 0.69 6.56
C MET B 136 1.13 -0.13 6.46
N GLU B 137 1.19 -1.15 5.59
CA GLU B 137 2.46 -1.83 5.30
C GLU B 137 3.54 -0.89 4.64
N HIS B 138 3.13 -0.12 3.64
CA HIS B 138 4.05 0.79 2.92
C HIS B 138 3.67 2.17 3.31
N HIS B 139 4.64 2.94 3.76
CA HIS B 139 4.29 4.28 4.29
C HIS B 139 3.78 5.20 3.18
N PRO B 140 2.64 5.86 3.38
CA PRO B 140 2.04 6.59 2.23
C PRO B 140 2.71 7.94 1.90
N LEU B 141 3.51 8.47 2.81
CA LEU B 141 4.48 9.54 2.45
C LEU B 141 5.60 9.11 1.50
N LYS B 142 5.88 7.80 1.40
CA LYS B 142 6.93 7.34 0.55
C LYS B 142 6.29 6.88 -0.76
N THR B 143 5.54 7.81 -1.37
CA THR B 143 4.87 7.58 -2.62
C THR B 143 4.93 8.89 -3.46
N LEU B 144 4.72 8.72 -4.76
CA LEU B 144 4.44 9.83 -5.67
C LEU B 144 3.14 9.61 -6.46
N LEU B 145 2.57 10.73 -6.87
CA LEU B 145 1.33 10.74 -7.57
C LEU B 145 1.62 11.15 -9.01
N GLN B 146 1.09 10.34 -9.93
CA GLN B 146 1.05 10.70 -11.35
C GLN B 146 0.29 12.01 -11.56
N ILE B 147 0.88 12.91 -12.33
CA ILE B 147 0.24 14.15 -12.78
C ILE B 147 0.28 14.09 -14.31
N ASN B 148 -0.01 15.20 -14.97
CA ASN B 148 -0.13 15.15 -16.41
C ASN B 148 1.21 14.98 -17.11
N ASN B 149 1.14 14.45 -18.34
CA ASN B 149 2.29 14.49 -19.27
C ASN B 149 3.52 13.72 -18.79
N GLY B 150 3.25 12.55 -18.22
CA GLY B 150 4.28 11.63 -17.75
C GLY B 150 5.11 12.11 -16.58
N GLU B 151 4.61 13.06 -15.82
CA GLU B 151 5.30 13.59 -14.66
C GLU B 151 4.65 13.05 -13.39
N TYR B 152 5.30 13.32 -12.27
CA TYR B 152 4.93 12.80 -10.96
C TYR B 152 5.25 13.83 -9.93
N ALA B 153 4.52 13.78 -8.81
CA ALA B 153 4.80 14.70 -7.73
C ALA B 153 4.85 13.91 -6.39
N PRO B 154 5.77 14.28 -5.50
CA PRO B 154 5.80 13.52 -4.25
C PRO B 154 4.54 13.70 -3.44
N MET B 155 4.17 12.70 -2.66
CA MET B 155 3.04 12.84 -1.72
C MET B 155 3.18 14.10 -0.88
N ARG B 156 4.34 14.30 -0.33
CA ARG B 156 4.56 15.47 0.51
C ARG B 156 5.89 16.08 0.10
N HIS B 157 7.01 15.68 0.70
CA HIS B 157 8.33 16.21 0.34
C HIS B 157 9.15 15.13 -0.31
N LEU B 158 10.04 15.55 -1.21
CA LEU B 158 10.97 14.62 -1.80
C LEU B 158 11.80 13.95 -0.73
N SER B 159 12.15 14.68 0.33
CA SER B 159 12.96 14.16 1.45
C SER B 159 12.27 13.04 2.22
N ASP B 160 10.95 13.01 2.21
CA ASP B 160 10.21 11.89 2.78
C ASP B 160 10.54 10.55 2.16
N LEU B 161 10.89 10.54 0.86
CA LEU B 161 11.13 9.29 0.18
C LEU B 161 12.36 8.58 0.76
N GLU B 162 13.29 9.35 1.29
CA GLU B 162 14.53 8.79 1.89
C GLU B 162 14.53 8.76 3.40
N GLN B 163 13.53 9.35 4.04
CA GLN B 163 13.48 9.47 5.49
C GLN B 163 13.35 8.10 6.17
N PRO B 164 14.17 7.83 7.16
CA PRO B 164 13.90 6.65 8.00
C PRO B 164 12.42 6.57 8.42
N ARG B 165 11.84 5.40 8.25
CA ARG B 165 10.40 5.26 8.38
C ARG B 165 9.88 5.80 9.71
N GLN B 166 10.54 5.41 10.80
CA GLN B 166 10.05 5.75 12.16
C GLN B 166 10.12 7.23 12.49
N GLN B 167 10.87 8.00 11.69
CA GLN B 167 10.85 9.48 11.81
C GLN B 167 9.67 10.15 11.13
N LEU B 168 8.90 9.38 10.34
CA LEU B 168 7.67 9.87 9.73
C LEU B 168 6.49 9.64 10.67
N PRO B 169 5.48 10.49 10.60
CA PRO B 169 4.29 10.21 11.41
C PRO B 169 3.62 8.87 11.06
N GLN B 170 3.01 8.26 12.06
CA GLN B 170 2.33 6.98 11.84
C GLN B 170 1.07 7.14 10.95
N ALA B 171 0.85 6.17 10.07
CA ALA B 171 -0.20 6.22 9.06
C ALA B 171 -1.15 5.05 9.21
N PHE B 172 -2.43 5.32 9.03
CA PHE B 172 -3.45 4.28 9.05
C PHE B 172 -4.36 4.44 7.87
N ARG B 173 -4.93 3.34 7.43
CA ARG B 173 -5.95 3.37 6.39
C ARG B 173 -7.29 2.87 6.90
N PRO B 174 -8.35 3.54 6.52
CA PRO B 174 -9.65 3.04 6.91
C PRO B 174 -9.85 1.64 6.33
N ASN B 175 -10.36 0.70 7.11
CA ASN B 175 -10.45 -0.69 6.64
C ASN B 175 -11.77 -1.20 6.17
N GLY B 176 -12.76 -0.30 6.09
CA GLY B 176 -14.09 -0.61 5.58
C GLY B 176 -15.03 -1.19 6.64
N ALA B 177 -14.55 -1.54 7.81
CA ALA B 177 -15.38 -2.36 8.72
C ALA B 177 -16.42 -1.62 9.49
N ILE B 178 -16.07 -0.38 9.95
CA ILE B 178 -16.95 0.40 10.82
C ILE B 178 -16.81 1.86 10.45
N TYR B 179 -17.95 2.50 10.19
CA TYR B 179 -18.03 3.95 10.14
C TYR B 179 -19.20 4.47 11.02
N ILE B 180 -18.89 5.18 12.09
CA ILE B 180 -19.91 5.72 13.03
C ILE B 180 -20.01 7.20 12.83
N ASN B 181 -21.23 7.70 12.66
CA ASN B 181 -21.45 9.13 12.56
C ASN B 181 -22.70 9.58 13.27
N ASP B 182 -22.73 10.85 13.60
CA ASP B 182 -23.96 11.53 14.00
C ASP B 182 -24.89 11.61 12.77
N THR B 183 -26.16 11.25 12.95
CA THR B 183 -27.06 11.10 11.81
C THR B 183 -27.30 12.37 11.10
N ALA B 184 -27.65 13.44 11.84
CA ALA B 184 -27.95 14.73 11.18
C ALA B 184 -26.66 15.24 10.51
N SER B 185 -25.52 14.94 11.15
CA SER B 185 -24.26 15.38 10.54
C SER B 185 -24.01 14.67 9.23
N LEU B 186 -24.21 13.34 9.21
CA LEU B 186 -24.00 12.61 8.00
C LEU B 186 -24.96 13.07 6.92
N ILE B 187 -26.22 13.28 7.25
CA ILE B 187 -27.19 13.74 6.24
C ILE B 187 -26.78 15.09 5.65
N ALA B 188 -26.38 16.02 6.53
CA ALA B 188 -25.97 17.37 6.12
C ALA B 188 -24.69 17.36 5.31
N ASN B 189 -23.70 16.56 5.68
CA ASN B 189 -22.41 16.54 4.96
C ASN B 189 -22.36 15.62 3.75
N ASN B 190 -23.31 14.69 3.70
CA ASN B 190 -23.42 13.68 2.64
C ASN B 190 -22.11 12.90 2.50
N CYS B 191 -21.59 12.45 3.63
CA CYS B 191 -20.32 11.72 3.64
C CYS B 191 -20.08 11.03 4.96
N PHE B 192 -19.14 10.10 4.97
CA PHE B 192 -18.86 9.27 6.15
C PHE B 192 -17.74 9.82 7.05
N PHE B 193 -16.91 10.70 6.50
CA PHE B 193 -15.79 11.27 7.27
C PHE B 193 -16.07 12.73 7.62
N ILE B 194 -16.36 12.93 8.89
CA ILE B 194 -16.73 14.24 9.40
C ILE B 194 -15.70 14.59 10.49
N ALA B 195 -15.14 15.79 10.42
CA ALA B 195 -14.15 16.19 11.41
C ALA B 195 -14.79 16.54 12.75
N PRO B 196 -14.08 16.31 13.85
CA PRO B 196 -12.78 15.64 14.00
C PRO B 196 -12.90 14.11 13.97
N THR B 197 -12.35 13.49 12.92
CA THR B 197 -12.41 12.04 12.79
C THR B 197 -11.49 11.28 13.79
N LYS B 198 -12.08 10.39 14.58
CA LYS B 198 -11.34 9.51 15.48
C LYS B 198 -11.15 8.21 14.73
N LEU B 199 -10.05 7.50 14.98
CA LEU B 199 -9.84 6.13 14.41
C LEU B 199 -9.96 5.06 15.46
N TYR B 200 -10.60 3.96 15.13
CA TYR B 200 -10.62 2.78 15.96
C TYR B 200 -9.65 1.81 15.33
N ILE B 201 -8.52 1.59 16.00
CA ILE B 201 -7.43 0.85 15.41
C ILE B 201 -7.60 -0.65 15.58
N MET B 202 -7.55 -1.37 14.46
CA MET B 202 -7.67 -2.81 14.41
C MET B 202 -6.39 -3.43 13.84
N SER B 203 -6.13 -4.67 14.19
CA SER B 203 -4.96 -5.33 13.62
C SER B 203 -5.17 -5.65 12.15
N HIS B 204 -4.08 -5.97 11.47
CA HIS B 204 -4.18 -6.41 10.03
C HIS B 204 -5.08 -7.63 9.89
N GLN B 205 -4.94 -8.53 10.83
CA GLN B 205 -5.68 -9.77 10.84
C GLN B 205 -7.19 -9.57 10.95
N ASP B 206 -7.63 -8.70 11.86
CA ASP B 206 -9.02 -8.48 12.03
C ASP B 206 -9.57 -7.58 10.90
N SER B 207 -8.69 -6.97 10.13
CA SER B 207 -9.09 -6.04 9.07
C SER B 207 -9.24 -6.69 7.71
N ILE B 208 -9.05 -8.02 7.63
N ILE B 208 -9.08 -8.01 7.63
CA ILE B 208 -9.15 -8.73 6.36
CA ILE B 208 -9.14 -8.66 6.34
C ILE B 208 -10.51 -8.41 5.73
C ILE B 208 -10.51 -8.35 5.74
N ASP B 209 -10.50 -8.09 4.43
CA ASP B 209 -11.70 -7.79 3.71
C ASP B 209 -11.82 -8.75 2.51
N ILE B 210 -13.06 -9.11 2.23
CA ILE B 210 -13.32 -10.20 1.29
C ILE B 210 -13.59 -9.60 -0.09
N ASP B 211 -12.59 -9.66 -0.97
CA ASP B 211 -12.77 -9.37 -2.40
C ASP B 211 -12.63 -10.63 -3.29
N THR B 212 -11.82 -11.60 -2.87
CA THR B 212 -11.51 -12.78 -3.66
C THR B 212 -11.78 -14.03 -2.89
N GLU B 213 -11.80 -15.12 -3.66
CA GLU B 213 -11.84 -16.45 -3.11
C GLU B 213 -10.75 -16.68 -2.05
N LEU B 214 -9.53 -16.22 -2.34
CA LEU B 214 -8.40 -16.41 -1.40
C LEU B 214 -8.58 -15.61 -0.10
N ASP B 215 -9.18 -14.43 -0.16
CA ASP B 215 -9.50 -13.69 1.05
C ASP B 215 -10.48 -14.50 1.89
N LEU B 216 -11.45 -15.11 1.25
CA LEU B 216 -12.44 -15.90 1.98
C LEU B 216 -11.78 -17.04 2.71
N GLN B 217 -10.91 -17.76 2.02
CA GLN B 217 -10.25 -18.89 2.66
C GLN B 217 -9.33 -18.40 3.79
N GLN B 218 -8.57 -17.35 3.52
CA GLN B 218 -7.67 -16.79 4.54
C GLN B 218 -8.40 -16.29 5.78
N ALA B 219 -9.54 -15.61 5.61
CA ALA B 219 -10.34 -15.19 6.77
C ALA B 219 -10.85 -16.36 7.58
N GLU B 220 -11.26 -17.42 6.89
CA GLU B 220 -11.75 -18.60 7.57
C GLU B 220 -10.63 -19.24 8.40
N ASN B 221 -9.40 -19.24 7.87
CA ASN B 221 -8.21 -19.76 8.59
C ASN B 221 -8.04 -19.01 9.90
N ILE B 222 -8.06 -17.69 9.80
CA ILE B 222 -7.88 -16.79 10.95
C ILE B 222 -8.92 -17.02 12.06
N LEU B 223 -10.18 -17.24 11.68
CA LEU B 223 -11.23 -17.65 12.62
C LEU B 223 -10.80 -18.86 13.43
N ASN B 224 -10.40 -19.92 12.75
CA ASN B 224 -10.10 -21.19 13.42
C ASN B 224 -8.81 -21.19 14.28
N HIS B 225 -7.91 -20.21 14.09
CA HIS B 225 -6.62 -20.19 14.81
C HIS B 225 -5.96 -18.83 14.73
N1 CTP C . 23.39 -3.19 0.24
C2 CTP C . 24.77 -2.96 0.32
N3 CTP C . 25.26 -1.91 1.05
C4 CTP C . 24.41 -1.05 1.65
C5 CTP C . 23.07 -1.28 1.64
C6 CTP C . 22.56 -2.36 0.91
O2 CTP C . 25.58 -3.71 -0.26
N4 CTP C . 24.90 -0.01 2.36
C1' CTP C . 22.83 -4.27 -0.62
C2' CTP C . 22.32 -5.52 0.02
O2' CTP C . 23.39 -6.39 0.28
C3' CTP C . 21.28 -5.97 -0.99
C4' CTP C . 20.64 -4.65 -1.44
O4' CTP C . 21.68 -3.70 -1.32
O3' CTP C . 21.88 -6.55 -2.13
C5' CTP C . 19.42 -4.22 -0.67
O5' CTP C . 19.70 -4.14 0.73
PA CTP C . 19.01 -5.10 1.84
O1A CTP C . 18.69 -4.37 3.06
O2A CTP C . 17.90 -5.84 1.13
O3A CTP C . 20.06 -6.32 2.09
PB CTP C . 21.10 -6.64 3.25
O1B CTP C . 22.25 -7.36 2.54
O2B CTP C . 21.48 -5.38 4.00
O3B CTP C . 20.20 -7.69 4.11
PG CTP C . 19.65 -7.43 5.61
O1G CTP C . 20.87 -7.37 6.55
O2G CTP C . 18.76 -8.68 5.78
O3G CTP C . 19.01 -6.12 5.48
CA CA D . 15.67 -5.30 1.95
CA CA E . 19.85 -3.90 5.09
N1 CTP F . -22.00 -2.27 -1.17
C2 CTP F . -23.36 -2.14 -1.37
N3 CTP F . -23.81 -1.07 -2.01
C4 CTP F . -22.99 -0.13 -2.50
C5 CTP F . -21.61 -0.23 -2.33
C6 CTP F . -21.14 -1.34 -1.63
O2 CTP F . -24.13 -3.02 -0.95
N4 CTP F . -23.46 0.92 -3.18
C1' CTP F . -21.53 -3.40 -0.37
C2' CTP F . -20.91 -4.58 -1.07
O2' CTP F . -21.91 -5.46 -1.38
C3' CTP F . -19.98 -5.14 0.01
C4' CTP F . -19.57 -3.91 0.79
O4' CTP F . -20.68 -3.03 0.68
O3' CTP F . -20.64 -5.97 0.94
C5' CTP F . -18.27 -3.30 0.24
O5' CTP F . -18.23 -3.32 -1.19
PA CTP F . -16.89 -3.57 -1.99
O1A CTP F . -15.97 -2.45 -1.84
O2A CTP F . -16.33 -4.86 -1.61
O3A CTP F . -17.15 -3.66 -3.55
PB CTP F . -18.31 -4.50 -4.29
O1B CTP F . -19.16 -3.45 -4.92
O2B CTP F . -18.81 -5.42 -3.22
O3B CTP F . -18.01 -5.74 -5.22
PG CTP F . -17.94 -5.62 -6.82
O1G CTP F . -17.18 -6.83 -7.28
O2G CTP F . -19.26 -5.56 -7.42
O3G CTP F . -17.13 -4.43 -6.69
CA CA G . -7.85 -6.79 0.75
#